data_8CB5
#
_entry.id   8CB5
#
_cell.length_a   48.197
_cell.length_b   87.306
_cell.length_c   112.642
_cell.angle_alpha   90.000
_cell.angle_beta   90.000
_cell.angle_gamma   90.000
#
_symmetry.space_group_name_H-M   'P 21 21 21'
#
loop_
_entity.id
_entity.type
_entity.pdbx_description
1 polymer 'Listeriolysin regulatory protein'
2 polymer 'Tripeptide GLU-VAL-PHE'
3 non-polymer 'ISOPROPYL ALCOHOL'
4 non-polymer 'SODIUM ION'
5 water water
#
loop_
_entity_poly.entity_id
_entity_poly.type
_entity_poly.pdbx_seq_one_letter_code
_entity_poly.pdbx_strand_id
1 'polypeptide(L)'
;GAMNAQAEEFKKYLETNGIKPKQFHKKELIFNQWDPQEYCIFLYDGITKLTSISENGTIMNLQYYKGAFVIMSGFIDTET
SVGYYNLEVISEQATAYVIKINELKELLSKNLTHFFYVFQTLQKQVSYSLAKFNDFSINGKLGSICGQLLILTYVYGKET
PDGIKITLDNLTMQELGYSSGIAHSSAVSRIISKLKQEKVIVYKNSCFYVQNLDYLKRYAPKLDEWFYLACPATWGKLN
;
A,B
2 'polypeptide(L)' EVF C,D
#
# COMPACT_ATOMS: atom_id res chain seq x y z
N ASN A 4 -6.94 3.24 -21.62
CA ASN A 4 -5.95 4.11 -21.00
C ASN A 4 -4.89 4.53 -22.02
N ALA A 5 -4.07 5.50 -21.64
CA ALA A 5 -3.06 6.06 -22.54
C ALA A 5 -1.66 5.58 -22.21
N GLN A 6 -1.18 5.81 -20.98
CA GLN A 6 0.15 5.38 -20.61
C GLN A 6 0.27 3.88 -20.47
N ALA A 7 -0.85 3.17 -20.29
CA ALA A 7 -0.80 1.72 -20.19
C ALA A 7 -0.71 1.07 -21.56
N GLU A 8 -1.45 1.59 -22.54
CA GLU A 8 -1.40 1.00 -23.88
C GLU A 8 -0.02 1.15 -24.50
N GLU A 9 0.71 2.22 -24.17
CA GLU A 9 2.07 2.34 -24.65
C GLU A 9 3.02 1.39 -23.92
N PHE A 10 2.69 1.03 -22.68
CA PHE A 10 3.44 -0.01 -21.99
C PHE A 10 3.13 -1.37 -22.59
N LYS A 11 1.87 -1.60 -22.98
CA LYS A 11 1.51 -2.84 -23.66
C LYS A 11 2.41 -2.96 -24.88
N LYS A 12 2.46 -1.92 -25.72
CA LYS A 12 3.18 -2.03 -26.98
C LYS A 12 4.69 -2.10 -26.74
N TYR A 13 5.15 -1.56 -25.62
CA TYR A 13 6.54 -1.68 -25.28
C TYR A 13 6.87 -3.14 -25.01
N LEU A 14 6.01 -3.83 -24.27
CA LEU A 14 6.22 -5.22 -24.00
C LEU A 14 6.13 -6.04 -25.22
N GLU A 15 5.29 -5.66 -26.14
CA GLU A 15 5.14 -6.40 -27.37
C GLU A 15 6.28 -6.21 -28.32
N THR A 16 6.89 -5.08 -28.28
CA THR A 16 8.02 -4.79 -29.08
C THR A 16 9.10 -5.71 -28.62
N ASN A 17 9.14 -6.01 -27.34
CA ASN A 17 10.14 -6.85 -26.80
C ASN A 17 9.79 -8.31 -26.82
N GLY A 18 8.63 -8.63 -27.29
CA GLY A 18 8.26 -9.99 -27.44
C GLY A 18 7.44 -10.66 -26.43
N ILE A 19 6.87 -9.96 -25.48
CA ILE A 19 6.04 -10.69 -24.53
C ILE A 19 4.60 -10.79 -25.01
N LYS A 20 4.01 -11.96 -25.00
CA LYS A 20 2.67 -12.10 -25.50
C LYS A 20 1.65 -12.14 -24.42
N PRO A 21 0.45 -11.69 -24.72
CA PRO A 21 -0.64 -11.74 -23.74
C PRO A 21 -1.05 -13.18 -23.52
N LYS A 22 -1.33 -13.51 -22.27
CA LYS A 22 -1.98 -14.76 -21.91
C LYS A 22 -3.38 -14.45 -21.37
N GLN A 23 -4.31 -15.36 -21.62
CA GLN A 23 -5.68 -15.22 -21.15
C GLN A 23 -5.93 -16.21 -20.02
N PHE A 24 -6.63 -15.75 -18.99
CA PHE A 24 -6.99 -16.57 -17.84
C PHE A 24 -8.50 -16.48 -17.65
N HIS A 25 -9.04 -17.43 -16.90
CA HIS A 25 -10.47 -17.53 -16.66
C HIS A 25 -10.74 -17.45 -15.17
N LYS A 26 -12.00 -17.20 -14.83
CA LYS A 26 -12.39 -17.05 -13.44
C LYS A 26 -11.88 -18.20 -12.60
N LYS A 27 -11.53 -17.89 -11.36
CA LYS A 27 -11.07 -18.80 -10.32
C LYS A 27 -9.62 -19.26 -10.54
N GLU A 28 -9.01 -18.96 -11.67
CA GLU A 28 -7.64 -19.36 -11.92
C GLU A 28 -6.66 -18.41 -11.24
N LEU A 29 -5.48 -18.92 -10.91
CA LEU A 29 -4.45 -18.13 -10.26
C LEU A 29 -3.37 -17.78 -11.28
N ILE A 30 -3.18 -16.47 -11.51
CA ILE A 30 -2.11 -16.02 -12.38
C ILE A 30 -0.75 -16.28 -11.74
N PHE A 31 -0.63 -16.06 -10.43
CA PHE A 31 0.49 -16.54 -9.64
C PHE A 31 -0.05 -16.99 -8.30
N ASN A 32 0.75 -17.82 -7.61
CA ASN A 32 0.33 -18.42 -6.36
C ASN A 32 1.45 -18.35 -5.34
N GLN A 33 1.07 -18.51 -4.07
CA GLN A 33 1.97 -18.29 -2.95
C GLN A 33 2.96 -19.42 -2.75
N TRP A 34 2.86 -20.51 -3.50
CA TRP A 34 3.77 -21.64 -3.34
C TRP A 34 4.83 -21.70 -4.43
N ASP A 35 4.72 -20.88 -5.47
CA ASP A 35 5.73 -20.86 -6.53
C ASP A 35 6.93 -20.05 -6.07
N PRO A 36 8.14 -20.61 -6.06
CA PRO A 36 9.33 -19.82 -5.69
C PRO A 36 9.73 -18.80 -6.75
N GLN A 37 9.38 -19.03 -8.02
CA GLN A 37 9.65 -18.05 -9.06
C GLN A 37 8.69 -16.88 -8.92
N GLU A 38 9.24 -15.66 -8.90
CA GLU A 38 8.44 -14.45 -8.76
C GLU A 38 8.26 -13.80 -10.13
N TYR A 39 7.15 -13.08 -10.28
CA TYR A 39 6.75 -12.56 -11.57
C TYR A 39 6.36 -11.10 -11.47
N CYS A 40 6.33 -10.45 -12.63
CA CYS A 40 5.70 -9.15 -12.81
C CYS A 40 4.50 -9.34 -13.72
N ILE A 41 3.31 -9.03 -13.22
CA ILE A 41 2.08 -9.18 -13.97
C ILE A 41 1.64 -7.80 -14.45
N PHE A 42 1.49 -7.65 -15.76
CA PHE A 42 0.81 -6.50 -16.35
C PHE A 42 -0.61 -6.97 -16.63
N LEU A 43 -1.51 -6.76 -15.66
CA LEU A 43 -2.94 -7.03 -15.89
C LEU A 43 -3.46 -6.00 -16.87
N TYR A 44 -3.81 -6.43 -18.08
CA TYR A 44 -4.24 -5.53 -19.13
C TYR A 44 -5.75 -5.36 -19.15
N ASP A 45 -6.48 -6.47 -19.03
CA ASP A 45 -7.94 -6.44 -19.03
C ASP A 45 -8.44 -7.46 -18.02
N GLY A 46 -9.54 -7.13 -17.35
CA GLY A 46 -10.12 -8.02 -16.38
C GLY A 46 -10.03 -7.58 -14.95
N ILE A 47 -10.60 -8.37 -14.06
CA ILE A 47 -10.59 -8.06 -12.65
C ILE A 47 -9.98 -9.21 -11.87
N THR A 48 -9.11 -8.90 -10.93
CA THR A 48 -8.47 -9.91 -10.13
C THR A 48 -8.47 -9.52 -8.67
N LYS A 49 -8.01 -10.42 -7.81
CA LYS A 49 -7.94 -10.11 -6.39
C LYS A 49 -6.75 -10.83 -5.78
N LEU A 50 -6.08 -10.14 -4.86
CA LEU A 50 -4.96 -10.70 -4.10
C LEU A 50 -5.51 -11.45 -2.90
N THR A 51 -5.14 -12.73 -2.79
CA THR A 51 -5.58 -13.53 -1.66
C THR A 51 -4.38 -14.08 -0.88
N SER A 52 -4.66 -14.44 0.38
CA SER A 52 -3.71 -15.10 1.27
C SER A 52 -4.45 -16.21 1.99
N ILE A 53 -3.78 -17.35 2.18
CA ILE A 53 -4.35 -18.48 2.90
C ILE A 53 -3.61 -18.61 4.22
N SER A 54 -4.38 -18.62 5.30
CA SER A 54 -3.90 -18.72 6.65
C SER A 54 -3.69 -20.16 7.09
N GLU A 55 -3.28 -20.37 8.35
CA GLU A 55 -3.05 -21.70 8.93
C GLU A 55 -4.31 -22.53 8.88
N ASN A 56 -5.42 -21.88 9.19
CA ASN A 56 -6.74 -22.47 9.15
C ASN A 56 -7.11 -22.94 7.76
N GLY A 57 -6.71 -22.18 6.76
CA GLY A 57 -7.05 -22.48 5.41
C GLY A 57 -8.08 -21.45 5.07
N THR A 58 -8.31 -20.51 5.96
CA THR A 58 -9.30 -19.52 5.60
C THR A 58 -8.71 -18.61 4.54
N ILE A 59 -9.58 -18.20 3.63
CA ILE A 59 -9.22 -17.32 2.52
C ILE A 59 -9.51 -15.89 2.94
N MET A 60 -8.49 -15.00 2.79
CA MET A 60 -8.64 -13.57 3.02
C MET A 60 -8.41 -12.85 1.69
N ASN A 61 -9.35 -11.98 1.37
CA ASN A 61 -9.18 -11.13 0.19
C ASN A 61 -8.57 -9.80 0.63
N LEU A 62 -7.43 -9.45 0.04
CA LEU A 62 -6.68 -8.28 0.47
C LEU A 62 -6.86 -7.08 -0.44
N GLN A 63 -6.91 -7.28 -1.76
CA GLN A 63 -6.98 -6.17 -2.70
C GLN A 63 -7.61 -6.64 -3.99
N TYR A 64 -8.36 -5.72 -4.61
CA TYR A 64 -8.91 -5.93 -5.95
C TYR A 64 -8.16 -5.07 -6.95
N TYR A 65 -7.89 -5.61 -8.10
CA TYR A 65 -7.22 -4.88 -9.14
C TYR A 65 -7.95 -5.02 -10.44
N LYS A 66 -8.13 -3.92 -11.16
CA LYS A 66 -8.68 -4.01 -12.50
C LYS A 66 -7.57 -3.70 -13.61
N GLY A 67 -7.56 -4.30 -14.80
CA GLY A 67 -6.72 -3.78 -15.85
C GLY A 67 -7.14 -2.37 -16.24
N ALA A 68 -6.16 -1.53 -16.57
CA ALA A 68 -4.74 -1.89 -16.61
C ALA A 68 -4.05 -1.63 -15.29
N PHE A 69 -3.16 -2.55 -14.88
CA PHE A 69 -2.41 -2.36 -13.65
C PHE A 69 -1.25 -3.34 -13.62
N VAL A 70 -0.30 -3.07 -12.71
CA VAL A 70 0.89 -3.90 -12.56
C VAL A 70 0.91 -4.47 -11.16
N ILE A 71 1.08 -5.79 -11.06
CA ILE A 71 1.17 -6.52 -9.80
C ILE A 71 2.44 -7.37 -9.83
N MET A 72 3.29 -7.18 -8.84
CA MET A 72 4.55 -7.88 -8.77
C MET A 72 4.59 -8.77 -7.53
N SER A 73 5.04 -10.00 -7.75
CA SER A 73 5.16 -11.04 -6.73
C SER A 73 6.50 -11.01 -6.02
N GLY A 74 7.43 -10.18 -6.47
CA GLY A 74 8.77 -10.21 -5.94
C GLY A 74 9.39 -8.82 -6.02
N PHE A 75 10.39 -8.63 -5.18
CA PHE A 75 11.16 -7.39 -5.20
C PHE A 75 11.96 -7.30 -6.49
N ILE A 76 12.11 -6.07 -7.00
CA ILE A 76 12.62 -5.92 -8.35
C ILE A 76 14.10 -6.27 -8.43
N ASP A 77 14.86 -6.01 -7.37
CA ASP A 77 16.30 -6.28 -7.37
C ASP A 77 16.64 -7.63 -6.77
N THR A 78 16.18 -7.89 -5.54
CA THR A 78 16.50 -9.17 -4.90
C THR A 78 15.83 -10.34 -5.60
N GLU A 79 14.65 -10.12 -6.19
CA GLU A 79 13.87 -11.12 -6.93
C GLU A 79 13.16 -12.10 -6.01
N THR A 80 13.14 -11.85 -4.71
CA THR A 80 12.49 -12.73 -3.75
C THR A 80 11.09 -12.22 -3.44
N SER A 81 10.28 -13.10 -2.85
CA SER A 81 8.87 -12.82 -2.64
C SER A 81 8.68 -11.61 -1.74
N VAL A 82 7.65 -10.82 -2.05
CA VAL A 82 7.23 -9.72 -1.20
C VAL A 82 6.17 -10.16 -0.20
N GLY A 83 5.72 -11.40 -0.27
CA GLY A 83 4.62 -11.90 0.55
C GLY A 83 3.99 -13.08 -0.13
N TYR A 84 3.57 -14.08 0.66
CA TYR A 84 2.98 -15.30 0.11
C TYR A 84 1.54 -14.99 -0.28
N TYR A 85 1.34 -14.66 -1.56
CA TYR A 85 0.06 -14.18 -2.05
C TYR A 85 -0.32 -14.91 -3.33
N ASN A 86 -1.63 -15.00 -3.57
CA ASN A 86 -2.18 -15.54 -4.81
C ASN A 86 -2.95 -14.44 -5.53
N LEU A 87 -2.86 -14.43 -6.86
CA LEU A 87 -3.59 -13.48 -7.70
C LEU A 87 -4.66 -14.26 -8.46
N GLU A 88 -5.91 -14.08 -8.08
CA GLU A 88 -7.03 -14.88 -8.58
C GLU A 88 -7.89 -14.04 -9.52
N VAL A 89 -8.26 -14.64 -10.64
CA VAL A 89 -9.16 -14.01 -11.60
C VAL A 89 -10.59 -14.14 -11.10
N ILE A 90 -11.38 -13.03 -11.20
CA ILE A 90 -12.79 -13.12 -10.81
C ILE A 90 -13.69 -12.72 -11.97
N SER A 91 -13.21 -11.83 -12.80
CA SER A 91 -13.95 -11.60 -14.04
C SER A 91 -13.96 -12.89 -14.86
N GLU A 92 -14.96 -13.00 -15.75
CA GLU A 92 -15.08 -14.22 -16.54
C GLU A 92 -13.78 -14.54 -17.27
N GLN A 93 -13.14 -13.53 -17.84
CA GLN A 93 -11.84 -13.69 -18.48
C GLN A 93 -10.95 -12.52 -18.08
N ALA A 94 -9.63 -12.76 -18.11
CA ALA A 94 -8.65 -11.72 -17.86
C ALA A 94 -7.48 -11.89 -18.82
N THR A 95 -6.91 -10.77 -19.24
CA THR A 95 -5.74 -10.75 -20.11
C THR A 95 -4.57 -10.15 -19.34
N ALA A 96 -3.45 -10.86 -19.33
CA ALA A 96 -2.29 -10.43 -18.56
C ALA A 96 -1.02 -10.81 -19.31
N TYR A 97 -0.01 -9.95 -19.21
CA TYR A 97 1.34 -10.24 -19.66
C TYR A 97 2.15 -10.67 -18.44
N VAL A 98 2.72 -11.87 -18.49
CA VAL A 98 3.44 -12.44 -17.35
C VAL A 98 4.92 -12.45 -17.68
N ILE A 99 5.70 -11.70 -16.92
CA ILE A 99 7.12 -11.61 -17.11
C ILE A 99 7.86 -12.09 -15.89
N LYS A 100 8.87 -12.92 -16.11
CA LYS A 100 9.66 -13.39 -15.00
C LYS A 100 10.38 -12.14 -14.54
N ILE A 101 10.66 -12.05 -13.25
CA ILE A 101 11.32 -10.87 -12.72
C ILE A 101 12.67 -10.72 -13.38
N ASN A 102 13.25 -11.83 -13.84
CA ASN A 102 14.57 -11.75 -14.45
C ASN A 102 14.49 -10.85 -15.67
N GLU A 103 13.54 -11.12 -16.57
CA GLU A 103 13.51 -10.46 -17.86
C GLU A 103 13.06 -9.01 -17.74
N LEU A 104 12.12 -8.72 -16.84
CA LEU A 104 11.57 -7.36 -16.78
C LEU A 104 12.62 -6.34 -16.41
N LYS A 105 13.58 -6.71 -15.58
CA LYS A 105 14.62 -5.76 -15.19
C LYS A 105 15.48 -5.25 -16.37
N GLU A 106 15.78 -6.11 -17.32
CA GLU A 106 16.54 -5.68 -18.48
C GLU A 106 15.71 -4.76 -19.35
N LEU A 107 14.36 -5.07 -19.37
CA LEU A 107 13.50 -4.19 -20.14
C LEU A 107 13.38 -2.84 -19.48
N LEU A 108 13.21 -2.82 -18.17
CA LEU A 108 13.06 -1.56 -17.48
C LEU A 108 14.29 -0.70 -17.70
N SER A 109 15.44 -1.32 -17.75
CA SER A 109 16.68 -0.58 -17.97
C SER A 109 16.70 0.12 -19.33
N LYS A 110 16.21 -0.56 -20.36
CA LYS A 110 16.22 0.02 -21.70
C LYS A 110 15.41 1.30 -21.79
N ASN A 111 14.22 1.28 -21.21
CA ASN A 111 13.38 2.46 -21.15
C ASN A 111 13.15 3.12 -19.79
N LEU A 112 13.12 4.44 -19.83
CA LEU A 112 12.85 5.25 -18.66
C LEU A 112 11.37 5.58 -18.47
N THR A 113 10.69 5.90 -19.57
CA THR A 113 9.30 6.31 -19.53
C THR A 113 8.40 5.16 -19.07
N HIS A 114 8.76 3.93 -19.42
CA HIS A 114 8.00 2.76 -18.99
C HIS A 114 8.38 2.34 -17.58
N PHE A 115 9.62 2.60 -17.16
CA PHE A 115 9.95 2.52 -15.75
C PHE A 115 9.04 3.41 -14.93
N PHE A 116 8.98 4.70 -15.29
CA PHE A 116 8.13 5.64 -14.58
C PHE A 116 6.71 5.10 -14.45
N TYR A 117 6.17 4.50 -15.52
CA TYR A 117 4.82 3.99 -15.46
C TYR A 117 4.66 2.95 -14.36
N VAL A 118 5.54 1.95 -14.34
CA VAL A 118 5.47 0.93 -13.30
C VAL A 118 5.71 1.59 -11.94
N PHE A 119 6.65 2.53 -11.88
CA PHE A 119 6.97 3.21 -10.63
C PHE A 119 5.73 3.86 -10.02
N GLN A 120 4.96 4.63 -10.83
CA GLN A 120 3.89 5.41 -10.23
C GLN A 120 2.62 4.58 -10.02
N THR A 121 2.54 3.37 -10.59
CA THR A 121 1.44 2.49 -10.19
C THR A 121 1.68 1.98 -8.77
N LEU A 122 2.94 1.74 -8.41
CA LEU A 122 3.25 1.42 -7.02
C LEU A 122 2.91 2.61 -6.12
N GLN A 123 3.24 3.82 -6.56
CA GLN A 123 2.92 5.01 -5.78
C GLN A 123 1.41 5.13 -5.58
N LYS A 124 0.64 4.88 -6.64
CA LYS A 124 -0.82 4.92 -6.51
C LYS A 124 -1.29 3.91 -5.46
N GLN A 125 -0.64 2.76 -5.39
CA GLN A 125 -1.04 1.75 -4.42
C GLN A 125 -0.63 2.16 -3.00
N VAL A 126 0.59 2.67 -2.84
CA VAL A 126 1.02 3.13 -1.53
C VAL A 126 0.04 4.15 -0.97
N SER A 127 -0.24 5.20 -1.75
CA SER A 127 -1.15 6.24 -1.30
C SER A 127 -2.57 5.71 -1.14
N TYR A 128 -2.96 4.73 -1.97
CA TYR A 128 -4.28 4.13 -1.84
C TYR A 128 -4.45 3.46 -0.49
N SER A 129 -3.45 2.69 -0.07
CA SER A 129 -3.55 1.99 1.21
C SER A 129 -3.68 2.96 2.37
N LEU A 130 -2.90 4.05 2.34
CA LEU A 130 -2.99 5.03 3.41
C LEU A 130 -4.35 5.71 3.41
N ALA A 131 -4.86 6.07 2.22
CA ALA A 131 -6.18 6.68 2.16
C ALA A 131 -7.24 5.77 2.76
N LYS A 132 -7.21 4.47 2.43
CA LYS A 132 -8.23 3.57 2.96
C LYS A 132 -8.05 3.38 4.46
N PHE A 133 -6.80 3.24 4.93
CA PHE A 133 -6.56 3.17 6.36
C PHE A 133 -7.22 4.37 7.03
N ASN A 134 -6.95 5.58 6.54
CA ASN A 134 -7.53 6.79 7.12
C ASN A 134 -9.05 6.70 7.20
N ASP A 135 -9.69 6.35 6.08
CA ASP A 135 -11.15 6.35 6.04
C ASP A 135 -11.73 5.27 6.95
N PHE A 136 -10.99 4.19 7.19
CA PHE A 136 -11.47 3.18 8.12
C PHE A 136 -11.36 3.67 9.56
N SER A 137 -10.24 4.31 9.90
CA SER A 137 -10.04 4.81 11.26
C SER A 137 -11.09 5.84 11.65
N ILE A 138 -11.78 6.44 10.68
CA ILE A 138 -12.77 7.47 10.96
C ILE A 138 -14.19 6.90 10.90
N ASN A 139 -14.50 6.11 9.87
CA ASN A 139 -15.88 5.66 9.66
C ASN A 139 -16.02 4.15 9.61
N GLY A 140 -14.98 3.40 9.98
CA GLY A 140 -15.09 1.96 10.04
C GLY A 140 -15.37 1.34 8.68
N LYS A 141 -16.06 0.20 8.69
CA LYS A 141 -16.33 -0.51 7.45
C LYS A 141 -17.34 0.23 6.57
N LEU A 142 -18.14 1.12 7.15
CA LEU A 142 -19.00 1.97 6.32
C LEU A 142 -18.15 2.88 5.44
N GLY A 143 -17.09 3.45 6.00
CA GLY A 143 -16.19 4.24 5.19
C GLY A 143 -15.48 3.42 4.13
N SER A 144 -15.13 2.18 4.47
CA SER A 144 -14.45 1.31 3.50
C SER A 144 -15.39 0.91 2.37
N ILE A 145 -16.64 0.60 2.69
CA ILE A 145 -17.57 0.17 1.65
C ILE A 145 -18.01 1.35 0.80
N CYS A 146 -18.29 2.49 1.42
CA CYS A 146 -18.58 3.69 0.64
C CYS A 146 -17.38 4.09 -0.21
N GLY A 147 -16.17 3.99 0.35
CA GLY A 147 -14.98 4.26 -0.43
C GLY A 147 -14.87 3.35 -1.64
N GLN A 148 -15.14 2.07 -1.45
CA GLN A 148 -15.08 1.12 -2.56
C GLN A 148 -16.18 1.39 -3.59
N LEU A 149 -17.37 1.77 -3.13
CA LEU A 149 -18.42 2.11 -4.06
C LEU A 149 -18.11 3.41 -4.82
N LEU A 150 -17.37 4.32 -4.19
CA LEU A 150 -17.02 5.57 -4.85
C LEU A 150 -16.02 5.33 -5.96
N ILE A 151 -15.02 4.47 -5.74
CA ILE A 151 -14.07 4.15 -6.80
C ILE A 151 -14.78 3.54 -7.99
N LEU A 152 -15.62 2.54 -7.75
CA LEU A 152 -16.35 1.90 -8.85
C LEU A 152 -17.25 2.90 -9.55
N THR A 153 -17.85 3.84 -8.79
CA THR A 153 -18.66 4.87 -9.40
C THR A 153 -17.84 5.72 -10.36
N TYR A 154 -16.66 6.17 -9.91
CA TYR A 154 -15.81 6.98 -10.78
C TYR A 154 -15.40 6.16 -11.99
N VAL A 155 -14.97 4.92 -11.77
CA VAL A 155 -14.33 4.15 -12.82
C VAL A 155 -15.36 3.61 -13.81
N TYR A 156 -16.48 3.09 -13.31
CA TYR A 156 -17.49 2.46 -14.14
C TYR A 156 -18.77 3.28 -14.28
N GLY A 157 -18.85 4.44 -13.64
CA GLY A 157 -20.10 5.17 -13.56
C GLY A 157 -20.43 5.89 -14.85
N LYS A 158 -21.63 5.67 -15.37
CA LYS A 158 -22.14 6.35 -16.56
C LYS A 158 -23.36 7.06 -15.97
N GLU A 159 -23.42 8.38 -16.15
CA GLU A 159 -24.59 9.16 -15.72
C GLU A 159 -25.78 8.88 -16.62
N THR A 160 -26.92 8.58 -16.01
CA THR A 160 -28.16 8.34 -16.74
C THR A 160 -29.34 8.98 -16.04
N PRO A 161 -30.55 8.96 -16.63
CA PRO A 161 -31.71 9.53 -15.92
C PRO A 161 -31.98 8.87 -14.57
N ASP A 162 -31.80 7.56 -14.47
CA ASP A 162 -32.08 6.80 -13.26
C ASP A 162 -30.92 6.85 -12.26
N GLY A 163 -30.07 7.87 -12.32
CA GLY A 163 -28.93 7.99 -11.45
C GLY A 163 -27.63 7.70 -12.19
N ILE A 164 -26.57 7.49 -11.41
CA ILE A 164 -25.27 7.12 -11.95
C ILE A 164 -25.18 5.60 -11.94
N LYS A 165 -25.29 4.99 -13.11
CA LYS A 165 -25.30 3.53 -13.19
C LYS A 165 -23.88 2.99 -13.13
N ILE A 166 -23.65 2.03 -12.24
CA ILE A 166 -22.38 1.34 -12.16
C ILE A 166 -22.43 0.20 -13.19
N THR A 167 -21.82 0.42 -14.35
CA THR A 167 -21.79 -0.55 -15.43
C THR A 167 -20.77 -1.63 -15.09
N LEU A 168 -21.23 -2.67 -14.40
CA LEU A 168 -20.35 -3.72 -13.90
C LEU A 168 -21.08 -5.06 -14.02
N ASP A 169 -20.46 -6.00 -14.72
CA ASP A 169 -21.07 -7.33 -14.86
C ASP A 169 -21.31 -7.95 -13.49
N ASN A 170 -22.40 -8.71 -13.37
CA ASN A 170 -22.80 -9.21 -12.08
C ASN A 170 -21.87 -10.27 -11.51
N LEU A 171 -21.06 -10.92 -12.36
CA LEU A 171 -20.11 -11.90 -11.84
C LEU A 171 -19.13 -11.25 -10.88
N THR A 172 -18.69 -10.02 -11.18
CA THR A 172 -17.83 -9.29 -10.27
C THR A 172 -18.64 -8.52 -9.24
N MET A 173 -19.89 -8.19 -9.55
CA MET A 173 -20.72 -7.48 -8.59
C MET A 173 -21.14 -8.39 -7.44
N GLN A 174 -21.42 -9.67 -7.73
CA GLN A 174 -21.77 -10.62 -6.69
C GLN A 174 -20.56 -11.15 -5.94
N GLU A 175 -19.34 -10.97 -6.48
CA GLU A 175 -18.15 -11.27 -5.70
C GLU A 175 -17.95 -10.27 -4.57
N LEU A 176 -18.29 -8.98 -4.80
CA LEU A 176 -18.15 -7.94 -3.78
C LEU A 176 -19.27 -7.98 -2.74
N GLY A 177 -20.33 -8.81 -2.98
CA GLY A 177 -21.39 -8.94 -2.01
C GLY A 177 -22.52 -7.94 -2.16
N TYR A 178 -22.76 -7.44 -3.36
CA TYR A 178 -23.81 -6.46 -3.59
C TYR A 178 -25.12 -7.08 -4.05
N SER A 179 -25.11 -8.32 -4.52
CA SER A 179 -26.31 -8.97 -4.99
C SER A 179 -27.08 -9.67 -3.89
N SER A 186 -21.01 -10.88 5.33
CA SER A 186 -22.37 -10.50 5.66
C SER A 186 -22.45 -9.06 6.15
N ALA A 187 -21.35 -8.58 6.75
CA ALA A 187 -21.30 -7.19 7.18
C ALA A 187 -21.45 -6.23 6.01
N VAL A 188 -21.15 -6.68 4.78
CA VAL A 188 -21.36 -5.84 3.61
C VAL A 188 -22.84 -5.73 3.30
N SER A 189 -23.58 -6.84 3.43
CA SER A 189 -25.00 -6.82 3.13
C SER A 189 -25.71 -5.77 4.00
N ARG A 190 -25.36 -5.71 5.29
CA ARG A 190 -25.99 -4.74 6.17
C ARG A 190 -25.72 -3.31 5.69
N ILE A 191 -24.47 -3.04 5.29
CA ILE A 191 -24.14 -1.71 4.82
C ILE A 191 -24.86 -1.41 3.51
N ILE A 192 -24.86 -2.36 2.57
CA ILE A 192 -25.56 -2.14 1.31
C ILE A 192 -27.04 -1.88 1.55
N SER A 193 -27.66 -2.70 2.40
CA SER A 193 -29.09 -2.51 2.68
C SER A 193 -29.35 -1.17 3.35
N LYS A 194 -28.39 -0.67 4.13
CA LYS A 194 -28.57 0.64 4.76
C LYS A 194 -28.53 1.74 3.71
N LEU A 195 -27.56 1.77 2.76
CA LEU A 195 -27.49 2.78 1.72
C LEU A 195 -28.75 2.77 0.87
N LYS A 196 -29.32 1.50 0.66
CA LYS A 196 -30.59 1.41 -0.04
C LYS A 196 -31.70 2.09 0.77
N GLN A 197 -31.79 1.77 2.06
CA GLN A 197 -32.84 2.37 2.90
C GLN A 197 -32.76 3.89 2.88
N GLU A 198 -31.56 4.45 2.92
CA GLU A 198 -31.36 5.89 2.87
C GLU A 198 -31.27 6.42 1.44
N LYS A 199 -31.60 5.59 0.45
CA LYS A 199 -31.71 6.03 -0.94
C LYS A 199 -30.40 6.64 -1.44
N VAL A 200 -29.28 6.08 -1.01
CA VAL A 200 -28.00 6.42 -1.59
C VAL A 200 -27.82 5.70 -2.92
N ILE A 201 -28.27 4.45 -2.98
CA ILE A 201 -28.23 3.65 -4.21
C ILE A 201 -29.59 3.00 -4.42
N VAL A 202 -29.91 2.77 -5.68
CA VAL A 202 -31.10 2.02 -6.07
C VAL A 202 -30.65 0.85 -6.93
N TYR A 203 -31.17 -0.35 -6.64
CA TYR A 203 -30.80 -1.56 -7.37
C TYR A 203 -31.93 -1.87 -8.36
N LYS A 204 -31.68 -1.60 -9.64
CA LYS A 204 -32.69 -1.78 -10.68
C LYS A 204 -32.05 -2.39 -11.92
N ASN A 205 -32.79 -3.26 -12.60
CA ASN A 205 -32.31 -3.93 -13.81
C ASN A 205 -31.00 -4.67 -13.55
N SER A 206 -30.82 -5.14 -12.32
CA SER A 206 -29.61 -5.86 -11.93
C SER A 206 -28.37 -4.99 -12.09
N CYS A 207 -28.45 -3.77 -11.57
CA CYS A 207 -27.29 -2.88 -11.55
C CYS A 207 -27.51 -1.81 -10.49
N PHE A 208 -26.39 -1.29 -9.98
CA PHE A 208 -26.40 -0.24 -8.98
C PHE A 208 -26.50 1.13 -9.65
N TYR A 209 -27.42 1.95 -9.18
CA TYR A 209 -27.53 3.35 -9.60
C TYR A 209 -27.28 4.22 -8.37
N VAL A 210 -26.22 5.02 -8.42
CA VAL A 210 -25.90 5.90 -7.29
C VAL A 210 -26.78 7.14 -7.38
N GLN A 211 -27.54 7.39 -6.33
CA GLN A 211 -28.47 8.52 -6.28
C GLN A 211 -27.91 9.73 -5.55
N ASN A 212 -27.00 9.52 -4.60
CA ASN A 212 -26.48 10.58 -3.74
C ASN A 212 -24.95 10.39 -3.65
N LEU A 213 -24.25 10.92 -4.65
CA LEU A 213 -22.80 10.81 -4.66
C LEU A 213 -22.17 11.52 -3.47
N ASP A 214 -22.74 12.66 -3.06
CA ASP A 214 -22.17 13.42 -1.96
C ASP A 214 -22.12 12.57 -0.69
N TYR A 215 -23.08 11.67 -0.49
CA TYR A 215 -23.05 10.80 0.69
C TYR A 215 -21.80 9.93 0.69
N LEU A 216 -21.46 9.35 -0.46
CA LEU A 216 -20.29 8.48 -0.53
C LEU A 216 -19.01 9.26 -0.27
N LYS A 217 -18.94 10.45 -0.82
CA LYS A 217 -17.78 11.31 -0.64
C LYS A 217 -17.54 11.72 0.79
N ARG A 218 -18.61 11.95 1.54
CA ARG A 218 -18.50 12.40 2.91
C ARG A 218 -17.97 11.31 3.82
N TYR A 219 -18.31 10.05 3.55
CA TYR A 219 -17.85 8.95 4.39
C TYR A 219 -16.51 8.38 3.95
N ALA A 220 -16.04 8.71 2.75
CA ALA A 220 -14.74 8.25 2.26
C ALA A 220 -13.95 9.44 1.72
N PRO A 221 -13.73 10.46 2.54
CA PRO A 221 -13.13 11.70 2.01
C PRO A 221 -11.70 11.52 1.50
N LYS A 222 -10.88 10.73 2.18
CA LYS A 222 -9.48 10.62 1.79
C LYS A 222 -9.29 9.74 0.56
N LEU A 223 -10.20 8.78 0.34
CA LEU A 223 -10.18 8.03 -0.91
C LEU A 223 -10.69 8.89 -2.07
N ASP A 224 -11.64 9.79 -1.80
CA ASP A 224 -12.04 10.77 -2.80
C ASP A 224 -10.86 11.67 -3.18
N GLU A 225 -10.10 12.12 -2.18
CA GLU A 225 -8.90 12.90 -2.46
C GLU A 225 -7.90 12.09 -3.27
N TRP A 226 -7.65 10.85 -2.85
CA TRP A 226 -6.71 9.98 -3.56
C TRP A 226 -7.09 9.92 -5.03
N PHE A 227 -8.34 9.57 -5.32
CA PHE A 227 -8.74 9.42 -6.71
C PHE A 227 -8.60 10.73 -7.47
N TYR A 228 -8.94 11.85 -6.83
CA TYR A 228 -8.78 13.14 -7.49
C TYR A 228 -7.32 13.39 -7.85
N LEU A 229 -6.40 13.09 -6.92
CA LEU A 229 -5.00 13.37 -7.17
C LEU A 229 -4.39 12.40 -8.18
N ALA A 230 -4.97 11.20 -8.30
CA ALA A 230 -4.40 10.16 -9.16
C ALA A 230 -5.04 10.10 -10.54
N CYS A 231 -6.30 10.52 -10.68
CA CYS A 231 -7.00 10.49 -11.97
C CYS A 231 -7.96 11.65 -12.02
N PRO A 232 -7.46 12.88 -12.05
CA PRO A 232 -8.36 14.04 -11.96
C PRO A 232 -9.38 14.12 -13.08
N ALA A 233 -9.03 13.71 -14.30
CA ALA A 233 -9.96 13.80 -15.41
C ALA A 233 -11.18 12.91 -15.18
N THR A 234 -10.89 11.69 -14.78
CA THR A 234 -11.99 10.81 -14.43
C THR A 234 -12.81 11.39 -13.29
N TRP A 235 -12.18 11.84 -12.24
CA TRP A 235 -12.87 12.45 -11.09
C TRP A 235 -13.75 13.61 -11.52
N GLY A 236 -13.43 14.25 -12.65
CA GLY A 236 -14.12 15.48 -13.01
C GLY A 236 -15.49 15.30 -13.61
N LYS A 237 -15.72 14.18 -14.27
CA LYS A 237 -17.02 13.94 -14.89
C LYS A 237 -18.22 13.86 -13.96
N LEU A 238 -18.11 13.12 -12.88
CA LEU A 238 -19.16 12.99 -11.88
C LEU A 238 -19.10 14.07 -10.81
N ASN A 239 -18.21 15.05 -10.96
CA ASN A 239 -18.10 16.13 -10.00
C ASN A 239 -18.34 17.49 -10.66
N ASN B 4 23.47 -0.76 6.04
CA ASN B 4 22.82 -1.17 4.82
C ASN B 4 23.48 -0.72 3.53
N ALA B 5 24.09 -1.65 2.81
CA ALA B 5 24.87 -1.31 1.63
C ALA B 5 24.14 -0.55 0.55
N GLN B 6 22.91 -0.96 0.22
CA GLN B 6 22.18 -0.28 -0.82
C GLN B 6 21.91 1.16 -0.45
N ALA B 7 21.52 1.38 0.78
CA ALA B 7 21.26 2.73 1.24
C ALA B 7 22.53 3.54 1.27
N GLU B 8 23.61 2.95 1.71
CA GLU B 8 24.86 3.68 1.81
C GLU B 8 25.37 4.03 0.44
N GLU B 9 25.12 3.16 -0.50
CA GLU B 9 25.52 3.41 -1.89
C GLU B 9 24.70 4.48 -2.60
N PHE B 10 23.44 4.61 -2.20
CA PHE B 10 22.55 5.65 -2.69
C PHE B 10 23.03 6.99 -2.17
N LYS B 11 23.45 7.03 -0.96
CA LYS B 11 23.94 8.24 -0.34
C LYS B 11 25.15 8.74 -1.12
N LYS B 12 26.06 7.77 -1.49
CA LYS B 12 27.27 8.12 -2.22
C LYS B 12 26.82 8.86 -3.47
N TYR B 13 25.94 8.24 -4.25
CA TYR B 13 25.53 8.81 -5.53
C TYR B 13 24.85 10.17 -5.44
N LEU B 14 24.14 10.40 -4.33
CA LEU B 14 23.55 11.71 -4.06
C LEU B 14 24.60 12.74 -3.71
N GLU B 15 25.55 12.34 -2.87
CA GLU B 15 26.63 13.23 -2.47
C GLU B 15 27.46 13.58 -3.68
N THR B 16 27.66 12.50 -4.56
CA THR B 16 28.46 12.74 -5.75
C THR B 16 27.76 13.68 -6.73
N ASN B 17 26.50 13.66 -6.85
CA ASN B 17 25.81 14.55 -7.78
C ASN B 17 25.52 15.97 -7.29
N GLY B 18 25.91 16.30 -6.07
CA GLY B 18 25.70 17.63 -5.54
C GLY B 18 24.70 17.71 -4.41
N ILE B 19 23.87 16.69 -4.23
CA ILE B 19 22.90 16.68 -3.14
C ILE B 19 23.64 16.47 -1.83
N LYS B 20 23.35 17.31 -0.83
CA LYS B 20 24.02 17.19 0.45
C LYS B 20 23.00 17.03 1.57
N PRO B 21 23.35 16.32 2.64
CA PRO B 21 22.38 16.06 3.70
C PRO B 21 21.92 17.34 4.40
N LYS B 22 20.71 17.29 4.94
CA LYS B 22 20.15 18.38 5.73
C LYS B 22 19.77 17.85 7.11
N GLN B 23 19.92 18.71 8.11
CA GLN B 23 19.59 18.37 9.49
C GLN B 23 18.21 18.89 9.83
N PHE B 24 17.44 18.08 10.53
CA PHE B 24 16.10 18.45 10.92
C PHE B 24 15.85 18.16 12.38
N HIS B 25 15.32 19.15 13.08
CA HIS B 25 15.00 19.02 14.49
C HIS B 25 13.64 18.40 14.73
N LYS B 26 13.43 17.93 15.94
CA LYS B 26 12.17 17.31 16.28
C LYS B 26 10.99 18.24 16.11
N LYS B 27 9.94 17.71 15.52
CA LYS B 27 8.69 18.39 15.28
C LYS B 27 8.62 19.19 13.99
N GLU B 28 9.73 19.34 13.29
CA GLU B 28 9.70 20.09 12.04
C GLU B 28 9.26 19.20 10.88
N LEU B 29 8.75 19.81 9.82
CA LEU B 29 8.29 19.04 8.69
C LEU B 29 9.24 19.06 7.52
N ILE B 30 9.74 17.89 7.15
CA ILE B 30 10.63 17.79 6.00
C ILE B 30 9.87 18.11 4.71
N PHE B 31 8.58 17.80 4.65
CA PHE B 31 7.68 18.36 3.65
C PHE B 31 6.30 18.46 4.28
N ASN B 32 5.42 19.25 3.65
CA ASN B 32 4.11 19.54 4.22
C ASN B 32 3.05 19.46 3.13
N GLN B 33 1.79 19.43 3.57
CA GLN B 33 0.67 19.20 2.66
C GLN B 33 0.23 20.46 1.93
N TRP B 34 0.75 21.63 2.27
CA TRP B 34 0.38 22.87 1.62
C TRP B 34 1.42 23.36 0.62
N ASP B 35 2.53 22.64 0.47
CA ASP B 35 3.58 23.04 -0.45
C ASP B 35 3.15 22.78 -1.89
N PRO B 36 3.23 23.78 -2.79
CA PRO B 36 2.93 23.51 -4.21
C PRO B 36 3.96 22.63 -4.89
N GLN B 37 5.12 22.40 -4.26
CA GLN B 37 6.22 21.66 -4.85
C GLN B 37 6.39 20.35 -4.09
N GLU B 38 6.63 19.27 -4.84
CA GLU B 38 6.76 17.93 -4.29
C GLU B 38 8.22 17.50 -4.28
N TYR B 39 8.55 16.62 -3.33
CA TYR B 39 9.94 16.29 -3.03
C TYR B 39 10.09 14.80 -2.86
N CYS B 40 11.29 14.30 -3.20
CA CYS B 40 11.70 12.94 -2.89
C CYS B 40 12.66 13.01 -1.70
N ILE B 41 12.26 12.42 -0.58
CA ILE B 41 13.03 12.49 0.65
C ILE B 41 13.79 11.18 0.84
N PHE B 42 15.09 11.27 1.04
CA PHE B 42 15.92 10.14 1.43
C PHE B 42 16.32 10.28 2.90
N LEU B 43 15.52 9.69 3.78
CA LEU B 43 15.72 9.79 5.22
C LEU B 43 16.88 8.88 5.60
N TYR B 44 18.06 9.46 5.82
CA TYR B 44 19.24 8.65 6.09
C TYR B 44 19.29 8.19 7.54
N ASP B 45 18.86 9.03 8.47
CA ASP B 45 18.91 8.68 9.88
C ASP B 45 17.83 9.47 10.62
N GLY B 46 17.31 8.88 11.68
CA GLY B 46 16.24 9.47 12.46
C GLY B 46 14.93 8.75 12.23
N ILE B 47 13.92 9.22 12.97
CA ILE B 47 12.59 8.63 12.93
C ILE B 47 11.60 9.71 12.51
N THR B 48 10.65 9.33 11.67
CA THR B 48 9.66 10.26 11.15
C THR B 48 8.29 9.60 11.20
N LYS B 49 7.25 10.44 11.10
CA LYS B 49 5.90 9.97 10.92
C LYS B 49 5.23 10.73 9.80
N LEU B 50 4.38 10.03 9.05
CA LEU B 50 3.51 10.65 8.07
C LEU B 50 2.22 11.07 8.75
N THR B 51 1.75 12.28 8.44
CA THR B 51 0.52 12.78 9.03
C THR B 51 -0.31 13.47 7.96
N SER B 52 -1.61 13.60 8.26
CA SER B 52 -2.54 14.38 7.44
C SER B 52 -3.33 15.27 8.39
N ILE B 53 -3.42 16.56 8.08
CA ILE B 53 -4.07 17.54 8.94
C ILE B 53 -5.32 18.06 8.23
N SER B 54 -6.45 18.00 8.92
CA SER B 54 -7.73 18.37 8.35
C SER B 54 -7.93 19.89 8.39
N GLU B 55 -8.86 20.34 7.55
CA GLU B 55 -9.42 21.69 7.65
C GLU B 55 -9.63 22.07 9.12
N ASN B 56 -10.37 21.23 9.83
CA ASN B 56 -10.62 21.41 11.25
C ASN B 56 -9.33 21.57 12.05
N GLY B 57 -8.27 20.89 11.63
CA GLY B 57 -7.00 20.96 12.32
C GLY B 57 -6.59 19.71 13.07
N THR B 58 -7.33 18.62 12.91
CA THR B 58 -6.98 17.36 13.57
C THR B 58 -5.81 16.70 12.85
N ILE B 59 -4.87 16.16 13.62
CA ILE B 59 -3.73 15.44 13.07
C ILE B 59 -4.06 13.96 13.04
N MET B 60 -3.76 13.31 11.91
CA MET B 60 -3.92 11.87 11.76
C MET B 60 -2.54 11.28 11.50
N ASN B 61 -2.12 10.36 12.36
CA ASN B 61 -0.87 9.63 12.17
C ASN B 61 -1.16 8.42 11.29
N LEU B 62 -0.50 8.37 10.14
CA LEU B 62 -0.73 7.32 9.15
C LEU B 62 0.38 6.29 9.07
N GLN B 63 1.64 6.70 9.23
CA GLN B 63 2.70 5.70 9.29
C GLN B 63 4.01 6.33 9.75
N TYR B 64 4.94 5.45 10.12
CA TYR B 64 6.24 5.82 10.65
C TYR B 64 7.33 5.30 9.73
N TYR B 65 8.43 6.04 9.67
CA TYR B 65 9.58 5.64 8.87
C TYR B 65 10.85 5.86 9.68
N LYS B 66 11.73 4.86 9.70
CA LYS B 66 13.07 4.98 10.25
C LYS B 66 14.07 4.92 9.10
N GLY B 67 15.11 5.74 9.19
CA GLY B 67 16.16 5.69 8.18
C GLY B 67 16.98 4.43 8.28
N ALA B 68 17.51 3.96 7.14
CA ALA B 68 17.39 4.64 5.86
C ALA B 68 16.15 4.23 5.09
N PHE B 69 15.46 5.22 4.50
CA PHE B 69 14.27 4.94 3.71
C PHE B 69 14.00 6.10 2.77
N VAL B 70 13.14 5.83 1.78
CA VAL B 70 12.77 6.82 0.77
C VAL B 70 11.27 7.06 0.87
N ILE B 71 10.89 8.33 1.01
CA ILE B 71 9.49 8.76 1.06
C ILE B 71 9.32 9.84 0.00
N MET B 72 8.37 9.63 -0.96
CA MET B 72 8.16 10.55 -2.07
C MET B 72 6.75 11.11 -2.02
N SER B 73 6.68 12.43 -1.91
CA SER B 73 5.41 13.13 -1.78
C SER B 73 4.77 13.44 -3.13
N GLY B 74 5.39 13.08 -4.24
CA GLY B 74 4.83 13.36 -5.54
C GLY B 74 5.01 12.20 -6.49
N PHE B 75 4.06 12.08 -7.42
CA PHE B 75 4.18 11.08 -8.47
C PHE B 75 5.39 11.36 -9.34
N ILE B 76 6.10 10.30 -9.71
CA ILE B 76 7.37 10.47 -10.41
C ILE B 76 7.17 11.12 -11.77
N ASP B 77 6.01 10.88 -12.41
CA ASP B 77 5.79 11.39 -13.77
C ASP B 77 5.15 12.78 -13.72
N THR B 78 3.92 12.86 -13.21
CA THR B 78 3.20 14.12 -13.23
C THR B 78 3.74 15.14 -12.25
N GLU B 79 4.51 14.70 -11.25
CA GLU B 79 5.11 15.55 -10.23
C GLU B 79 4.07 16.20 -9.31
N THR B 80 2.83 15.74 -9.35
CA THR B 80 1.79 16.26 -8.47
C THR B 80 1.69 15.40 -7.21
N SER B 81 1.03 15.96 -6.19
CA SER B 81 0.97 15.30 -4.89
C SER B 81 0.28 13.94 -5.00
N VAL B 82 0.82 12.98 -4.25
CA VAL B 82 0.13 11.69 -4.08
C VAL B 82 -0.89 11.74 -2.95
N GLY B 83 -0.91 12.82 -2.18
CA GLY B 83 -1.80 12.92 -1.03
C GLY B 83 -1.38 14.05 -0.12
N TYR B 84 -2.34 14.69 0.53
CA TYR B 84 -2.08 15.82 1.41
C TYR B 84 -1.48 15.28 2.70
N TYR B 85 -0.16 15.15 2.69
CA TYR B 85 0.57 14.51 3.78
C TYR B 85 1.71 15.39 4.26
N ASN B 86 2.09 15.20 5.53
CA ASN B 86 3.26 15.85 6.12
C ASN B 86 4.22 14.77 6.62
N LEU B 87 5.51 15.10 6.64
CA LEU B 87 6.57 14.21 7.10
C LEU B 87 7.26 14.88 8.28
N GLU B 88 6.82 14.52 9.50
CA GLU B 88 7.26 15.18 10.71
C GLU B 88 8.34 14.37 11.40
N VAL B 89 9.43 15.04 11.81
CA VAL B 89 10.49 14.40 12.56
C VAL B 89 10.00 14.15 13.99
N ILE B 90 10.11 12.91 14.45
CA ILE B 90 9.76 12.57 15.82
C ILE B 90 10.95 12.10 16.66
N SER B 91 12.08 11.78 16.03
CA SER B 91 13.32 11.60 16.78
C SER B 91 13.91 12.98 17.10
N GLU B 92 14.81 13.00 18.09
CA GLU B 92 15.40 14.27 18.51
C GLU B 92 16.01 15.01 17.32
N GLN B 93 16.67 14.28 16.42
CA GLN B 93 17.18 14.88 15.19
C GLN B 93 17.08 13.84 14.08
N ALA B 94 17.09 14.34 12.84
CA ALA B 94 17.00 13.48 11.68
C ALA B 94 17.86 14.05 10.55
N THR B 95 18.50 13.16 9.80
CA THR B 95 19.29 13.51 8.63
C THR B 95 18.54 13.06 7.39
N ALA B 96 18.34 13.97 6.44
CA ALA B 96 17.55 13.68 5.25
C ALA B 96 18.08 14.46 4.07
N TYR B 97 18.05 13.81 2.90
CA TYR B 97 18.38 14.45 1.63
C TYR B 97 17.08 14.83 0.94
N VAL B 98 16.91 16.11 0.64
CA VAL B 98 15.65 16.64 0.12
C VAL B 98 15.88 17.00 -1.35
N ILE B 99 15.31 16.21 -2.25
CA ILE B 99 15.47 16.40 -3.69
C ILE B 99 14.12 16.79 -4.26
N LYS B 100 14.10 17.88 -5.00
CA LYS B 100 12.91 18.23 -5.77
C LYS B 100 12.68 17.19 -6.85
N ILE B 101 11.42 16.80 -7.05
CA ILE B 101 11.13 15.57 -7.76
C ILE B 101 11.49 15.64 -9.24
N ASN B 102 11.54 16.83 -9.82
CA ASN B 102 11.93 16.94 -11.23
C ASN B 102 13.41 16.66 -11.42
N GLU B 103 14.22 16.88 -10.38
CA GLU B 103 15.64 16.54 -10.47
C GLU B 103 15.89 15.06 -10.23
N LEU B 104 15.05 14.43 -9.39
CA LEU B 104 15.22 13.00 -9.13
C LEU B 104 15.12 12.19 -10.41
N LYS B 105 14.21 12.57 -11.30
CA LYS B 105 14.04 11.85 -12.56
C LYS B 105 15.29 11.90 -13.43
N GLU B 106 16.10 12.95 -13.29
CA GLU B 106 17.37 13.01 -14.00
C GLU B 106 18.48 12.07 -13.55
N LEU B 107 18.69 11.97 -12.23
CA LEU B 107 19.75 11.09 -11.74
C LEU B 107 19.31 9.64 -11.70
N LEU B 108 18.01 9.38 -11.60
CA LEU B 108 17.53 8.01 -11.65
C LEU B 108 17.52 7.43 -13.05
N SER B 109 17.53 8.42 -14.08
CA SER B 109 17.67 7.94 -15.46
C SER B 109 19.03 7.33 -15.77
N LYS B 110 20.09 7.94 -15.49
CA LYS B 110 21.43 7.50 -15.85
C LYS B 110 21.78 6.14 -15.28
N ASN B 111 21.40 5.94 -14.01
CA ASN B 111 21.67 4.67 -13.35
C ASN B 111 20.39 4.02 -12.88
N LEU B 112 20.25 2.77 -13.24
CA LEU B 112 19.08 1.97 -12.92
C LEU B 112 19.19 1.15 -11.63
N THR B 113 20.36 1.06 -11.12
CA THR B 113 20.56 0.33 -9.87
C THR B 113 20.05 1.09 -8.81
N HIS B 114 20.27 2.39 -8.86
CA HIS B 114 19.73 3.30 -7.88
C HIS B 114 18.26 3.42 -8.00
N PHE B 115 17.82 3.41 -9.21
CA PHE B 115 16.38 3.43 -9.46
C PHE B 115 15.72 2.21 -8.82
N PHE B 116 16.34 1.04 -8.95
CA PHE B 116 15.77 -0.16 -8.36
C PHE B 116 15.66 -0.04 -6.85
N TYR B 117 16.60 0.66 -6.20
CA TYR B 117 16.53 0.78 -4.75
C TYR B 117 15.30 1.58 -4.33
N VAL B 118 15.02 2.68 -5.02
CA VAL B 118 13.83 3.44 -4.71
C VAL B 118 12.58 2.64 -5.06
N PHE B 119 12.61 1.92 -6.19
CA PHE B 119 11.47 1.12 -6.61
C PHE B 119 11.06 0.12 -5.53
N GLN B 120 12.05 -0.58 -4.95
CA GLN B 120 11.71 -1.62 -3.99
C GLN B 120 11.29 -1.04 -2.64
N THR B 121 11.62 0.22 -2.33
CA THR B 121 11.09 0.81 -1.11
C THR B 121 9.58 1.00 -1.21
N LEU B 122 9.09 1.35 -2.40
CA LEU B 122 7.66 1.35 -2.62
C LEU B 122 7.07 -0.05 -2.42
N GLN B 123 7.76 -1.07 -2.94
CA GLN B 123 7.27 -2.43 -2.82
C GLN B 123 7.16 -2.85 -1.35
N LYS B 124 8.17 -2.50 -0.54
CA LYS B 124 8.11 -2.82 0.87
C LYS B 124 6.92 -2.13 1.54
N GLN B 125 6.67 -0.87 1.17
CA GLN B 125 5.52 -0.15 1.72
C GLN B 125 4.22 -0.86 1.37
N VAL B 126 4.06 -1.21 0.09
CA VAL B 126 2.83 -1.87 -0.35
C VAL B 126 2.61 -3.17 0.42
N SER B 127 3.62 -4.04 0.43
CA SER B 127 3.46 -5.32 1.10
C SER B 127 3.30 -5.16 2.61
N TYR B 128 3.90 -4.11 3.17
CA TYR B 128 3.77 -3.85 4.60
C TYR B 128 2.31 -3.56 4.96
N SER B 129 1.65 -2.71 4.17
CA SER B 129 0.26 -2.38 4.44
C SER B 129 -0.64 -3.60 4.27
N LEU B 130 -0.39 -4.41 3.25
CA LEU B 130 -1.17 -5.63 3.05
C LEU B 130 -1.01 -6.58 4.22
N ALA B 131 0.22 -6.73 4.72
CA ALA B 131 0.45 -7.61 5.86
C ALA B 131 -0.29 -7.11 7.10
N LYS B 132 -0.25 -5.79 7.34
CA LYS B 132 -0.95 -5.23 8.49
C LYS B 132 -2.46 -5.40 8.34
N PHE B 133 -2.99 -5.14 7.15
CA PHE B 133 -4.42 -5.34 6.92
C PHE B 133 -4.80 -6.80 7.11
N ASN B 134 -3.98 -7.72 6.61
CA ASN B 134 -4.29 -9.14 6.74
C ASN B 134 -4.43 -9.53 8.21
N ASP B 135 -3.56 -9.01 9.07
CA ASP B 135 -3.58 -9.44 10.47
C ASP B 135 -4.77 -8.87 11.21
N PHE B 136 -5.10 -7.60 10.98
CA PHE B 136 -6.27 -7.02 11.63
C PHE B 136 -7.54 -7.77 11.24
N SER B 137 -7.70 -8.06 9.95
CA SER B 137 -8.91 -8.70 9.44
C SER B 137 -9.06 -10.14 9.88
N ILE B 138 -8.19 -10.66 10.75
CA ILE B 138 -8.32 -12.03 11.22
C ILE B 138 -8.40 -12.03 12.74
N ASN B 139 -7.36 -11.52 13.39
CA ASN B 139 -7.30 -11.46 14.84
C ASN B 139 -7.79 -10.13 15.40
N GLY B 140 -8.56 -9.38 14.63
CA GLY B 140 -9.13 -8.14 15.10
C GLY B 140 -8.07 -7.20 15.65
N LYS B 141 -8.45 -6.47 16.69
CA LYS B 141 -7.52 -5.52 17.30
C LYS B 141 -6.37 -6.21 18.00
N LEU B 142 -6.52 -7.48 18.38
CA LEU B 142 -5.40 -8.20 18.98
C LEU B 142 -4.24 -8.33 17.99
N GLY B 143 -4.55 -8.59 16.71
CA GLY B 143 -3.51 -8.68 15.71
C GLY B 143 -2.80 -7.36 15.48
N SER B 144 -3.55 -6.25 15.49
CA SER B 144 -2.96 -4.95 15.27
C SER B 144 -1.97 -4.61 16.37
N ILE B 145 -2.37 -4.80 17.63
CA ILE B 145 -1.50 -4.38 18.72
C ILE B 145 -0.27 -5.27 18.81
N CYS B 146 -0.43 -6.60 18.69
CA CYS B 146 0.75 -7.47 18.70
C CYS B 146 1.62 -7.19 17.48
N GLY B 147 0.99 -6.86 16.35
CA GLY B 147 1.72 -6.40 15.18
C GLY B 147 2.62 -5.23 15.51
N GLN B 148 2.05 -4.20 16.17
CA GLN B 148 2.85 -3.03 16.52
C GLN B 148 3.92 -3.37 17.54
N LEU B 149 3.59 -4.21 18.53
CA LEU B 149 4.59 -4.62 19.51
C LEU B 149 5.72 -5.41 18.84
N LEU B 150 5.38 -6.31 17.92
CA LEU B 150 6.42 -7.05 17.21
C LEU B 150 7.27 -6.11 16.38
N ILE B 151 6.66 -5.08 15.78
CA ILE B 151 7.43 -4.06 15.07
C ILE B 151 8.42 -3.39 16.02
N LEU B 152 7.93 -2.94 17.17
CA LEU B 152 8.81 -2.31 18.14
C LEU B 152 9.90 -3.27 18.60
N THR B 153 9.54 -4.55 18.76
CA THR B 153 10.53 -5.54 19.19
C THR B 153 11.61 -5.85 18.17
N TYR B 154 11.29 -5.79 16.88
CA TYR B 154 12.28 -6.08 15.85
C TYR B 154 13.21 -4.90 15.60
N VAL B 155 12.66 -3.70 15.63
CA VAL B 155 13.45 -2.54 15.23
C VAL B 155 14.17 -1.92 16.42
N TYR B 156 13.47 -1.71 17.55
CA TYR B 156 14.06 -1.04 18.70
C TYR B 156 14.39 -2.00 19.84
N GLY B 157 14.50 -3.30 19.55
CA GLY B 157 14.72 -4.26 20.61
C GLY B 157 16.18 -4.40 20.98
N LYS B 158 16.41 -4.80 22.23
CA LYS B 158 17.75 -5.07 22.75
C LYS B 158 17.64 -6.20 23.76
N GLU B 159 18.31 -7.32 23.49
CA GLU B 159 18.13 -8.53 24.29
C GLU B 159 18.74 -8.39 25.70
N THR B 160 18.11 -9.01 26.70
CA THR B 160 18.66 -9.10 28.04
C THR B 160 18.49 -10.54 28.53
N PRO B 161 19.23 -10.94 29.57
CA PRO B 161 19.07 -12.34 29.97
C PRO B 161 17.65 -12.71 30.41
N ASP B 162 17.00 -11.84 31.18
CA ASP B 162 15.56 -11.99 31.45
C ASP B 162 14.63 -11.84 30.24
N GLY B 163 14.91 -10.86 29.37
CA GLY B 163 13.87 -10.26 28.54
C GLY B 163 14.39 -9.57 27.28
N ILE B 164 13.50 -9.28 26.32
CA ILE B 164 13.87 -8.33 25.28
C ILE B 164 13.34 -6.94 25.61
N LYS B 165 14.27 -5.98 25.72
CA LYS B 165 13.93 -4.63 26.13
C LYS B 165 13.58 -3.77 24.92
N ILE B 166 12.83 -2.70 25.18
CA ILE B 166 12.42 -1.79 24.11
C ILE B 166 13.26 -0.52 24.13
N SER B 186 -11.46 0.56 27.82
CA SER B 186 -11.09 0.50 26.40
C SER B 186 -10.65 -0.91 26.02
N ALA B 187 -10.95 -1.29 24.78
CA ALA B 187 -10.59 -2.61 24.28
C ALA B 187 -9.08 -2.81 24.25
N VAL B 188 -8.36 -1.76 23.85
CA VAL B 188 -6.90 -1.80 23.77
C VAL B 188 -6.30 -2.02 25.15
N SER B 189 -6.85 -1.35 26.15
CA SER B 189 -6.36 -1.47 27.52
C SER B 189 -6.54 -2.89 28.05
N ARG B 190 -7.67 -3.45 27.74
CA ARG B 190 -7.97 -4.81 28.19
C ARG B 190 -7.05 -5.83 27.52
N ILE B 191 -6.81 -5.68 26.22
CA ILE B 191 -5.94 -6.58 25.48
C ILE B 191 -4.54 -6.52 26.08
N ILE B 192 -4.06 -5.32 26.39
CA ILE B 192 -2.73 -5.19 26.98
C ILE B 192 -2.71 -5.86 28.34
N SER B 193 -3.77 -5.70 29.11
CA SER B 193 -3.84 -6.33 30.42
C SER B 193 -3.74 -7.84 30.29
N LYS B 194 -4.40 -8.38 29.28
CA LYS B 194 -4.37 -9.86 29.03
C LYS B 194 -2.94 -10.23 28.77
N LEU B 195 -2.25 -9.52 27.91
CA LEU B 195 -0.91 -9.82 27.52
C LEU B 195 0.02 -9.91 28.72
N LYS B 196 0.00 -8.91 29.60
CA LYS B 196 0.84 -9.03 30.78
C LYS B 196 0.42 -10.23 31.61
N GLN B 197 -0.88 -10.44 31.72
CA GLN B 197 -1.36 -11.57 32.49
C GLN B 197 -0.91 -12.87 31.82
N GLU B 198 -1.04 -12.86 30.41
CA GLU B 198 -0.61 -14.09 29.75
C GLU B 198 0.90 -14.28 29.87
N LYS B 199 1.64 -13.24 30.24
CA LYS B 199 3.08 -13.32 30.43
C LYS B 199 3.91 -13.09 29.17
N VAL B 200 3.29 -12.78 28.07
CA VAL B 200 4.00 -12.52 26.83
C VAL B 200 4.98 -11.35 27.00
N ILE B 201 4.49 -10.31 27.75
CA ILE B 201 5.28 -9.12 28.03
C ILE B 201 5.39 -8.87 29.51
N VAL B 202 6.60 -8.53 29.96
CA VAL B 202 6.83 -8.32 31.37
C VAL B 202 7.36 -6.90 31.62
N TYR B 203 6.80 -6.20 32.60
CA TYR B 203 7.24 -4.87 32.91
C TYR B 203 8.00 -4.95 34.23
N LYS B 204 9.30 -4.67 34.20
CA LYS B 204 10.10 -4.76 35.42
C LYS B 204 11.13 -3.63 35.48
N ASN B 205 11.40 -3.10 36.68
CA ASN B 205 12.51 -2.17 36.92
C ASN B 205 12.51 -0.98 35.97
N SER B 206 11.31 -0.40 35.80
CA SER B 206 11.04 0.88 35.11
C SER B 206 11.16 0.81 33.59
N CYS B 207 11.18 -0.40 33.06
CA CYS B 207 11.50 -0.66 31.66
C CYS B 207 10.60 -1.78 31.18
N PHE B 208 10.39 -1.88 29.86
CA PHE B 208 9.46 -2.89 29.37
C PHE B 208 10.22 -3.98 28.63
N TYR B 209 9.84 -5.25 28.90
CA TYR B 209 10.57 -6.40 28.38
C TYR B 209 9.60 -7.40 27.79
N VAL B 210 9.86 -7.81 26.53
CA VAL B 210 9.14 -8.91 25.91
C VAL B 210 9.93 -10.19 26.13
N GLN B 211 9.20 -11.30 26.34
CA GLN B 211 9.88 -12.57 26.52
C GLN B 211 9.10 -13.76 25.97
N ASN B 212 7.99 -13.55 25.30
CA ASN B 212 7.28 -14.60 24.58
C ASN B 212 7.11 -14.12 23.13
N LEU B 213 8.23 -13.99 22.42
CA LEU B 213 8.21 -13.43 21.08
C LEU B 213 7.23 -14.16 20.17
N ASP B 214 7.11 -15.49 20.35
CA ASP B 214 6.29 -16.27 19.43
C ASP B 214 4.80 -16.12 19.68
N TYR B 215 4.39 -15.53 20.81
CA TYR B 215 2.98 -15.20 20.97
C TYR B 215 2.60 -14.03 20.07
N LEU B 216 3.44 -13.00 20.02
CA LEU B 216 3.20 -11.90 19.09
C LEU B 216 3.18 -12.40 17.65
N LYS B 217 4.08 -13.32 17.33
CA LYS B 217 4.12 -13.85 15.97
C LYS B 217 2.91 -14.64 15.58
N ARG B 218 2.25 -15.27 16.53
CA ARG B 218 1.08 -16.08 16.22
C ARG B 218 -0.10 -15.21 15.85
N TYR B 219 -0.24 -14.04 16.47
CA TYR B 219 -1.37 -13.16 16.20
C TYR B 219 -1.04 -12.01 15.26
N ALA B 220 0.23 -11.88 14.86
CA ALA B 220 0.63 -10.99 13.77
C ALA B 220 1.46 -11.79 12.77
N PRO B 221 0.91 -12.91 12.26
CA PRO B 221 1.77 -13.83 11.48
C PRO B 221 2.26 -13.25 10.16
N LYS B 222 1.38 -12.57 9.43
CA LYS B 222 1.73 -11.96 8.17
C LYS B 222 2.79 -10.88 8.32
N LEU B 223 2.68 -10.10 9.39
CA LEU B 223 3.67 -9.07 9.66
C LEU B 223 5.03 -9.68 9.95
N ASP B 224 5.07 -10.76 10.74
CA ASP B 224 6.33 -11.46 10.96
C ASP B 224 6.89 -11.98 9.64
N GLU B 225 6.04 -12.59 8.82
CA GLU B 225 6.43 -13.00 7.48
C GLU B 225 7.05 -11.83 6.72
N TRP B 226 6.41 -10.67 6.77
CA TRP B 226 6.91 -9.52 6.03
C TRP B 226 8.30 -9.13 6.49
N PHE B 227 8.53 -9.09 7.80
CA PHE B 227 9.86 -8.78 8.31
C PHE B 227 10.88 -9.79 7.80
N TYR B 228 10.49 -11.06 7.75
CA TYR B 228 11.39 -12.11 7.27
C TYR B 228 11.76 -11.89 5.80
N LEU B 229 10.76 -11.59 4.98
CA LEU B 229 11.01 -11.49 3.55
C LEU B 229 11.54 -10.13 3.13
N ALA B 230 11.17 -9.08 3.86
CA ALA B 230 11.56 -7.72 3.52
C ALA B 230 12.80 -7.24 4.27
N CYS B 231 12.91 -7.57 5.55
CA CYS B 231 14.03 -7.12 6.39
C CYS B 231 14.67 -8.33 7.06
N PRO B 232 15.30 -9.21 6.28
CA PRO B 232 15.84 -10.44 6.86
C PRO B 232 16.96 -10.22 7.87
N ALA B 233 17.75 -9.15 7.72
CA ALA B 233 18.78 -8.86 8.71
C ALA B 233 18.14 -8.44 10.03
N THR B 234 17.13 -7.57 9.97
CA THR B 234 16.44 -7.14 11.18
C THR B 234 15.72 -8.30 11.84
N TRP B 235 14.96 -9.07 11.03
CA TRP B 235 14.22 -10.20 11.58
C TRP B 235 15.15 -11.23 12.20
N GLY B 236 16.34 -11.41 11.60
CA GLY B 236 17.23 -12.46 12.06
C GLY B 236 17.91 -12.19 13.38
N LYS B 237 17.87 -10.95 13.86
CA LYS B 237 18.59 -10.61 15.08
C LYS B 237 18.01 -11.34 16.29
N LEU B 238 16.69 -11.52 16.33
CA LEU B 238 16.03 -12.19 17.43
C LEU B 238 15.36 -13.52 17.07
N ASN B 239 15.84 -14.17 15.97
CA ASN B 239 15.29 -15.45 15.53
C ASN B 239 16.44 -16.43 15.33
N GLU C 1 -6.59 0.27 -12.29
CA GLU C 1 -6.77 0.87 -10.98
C GLU C 1 -6.88 -0.19 -9.89
N VAL C 2 -6.87 0.26 -8.65
CA VAL C 2 -6.97 -0.62 -7.50
C VAL C 2 -8.17 -0.19 -6.67
N PHE C 3 -8.81 -1.16 -6.00
CA PHE C 3 -9.96 -0.87 -5.18
C PHE C 3 -10.29 -2.00 -4.21
N GLU D 1 13.63 1.39 7.22
CA GLU D 1 12.49 0.45 7.11
C GLU D 1 11.18 1.10 7.51
N VAL D 2 10.12 0.84 6.73
CA VAL D 2 8.79 1.28 7.10
C VAL D 2 8.27 0.45 8.27
N PHE D 3 7.51 1.10 9.16
CA PHE D 3 6.94 0.40 10.31
C PHE D 3 5.83 1.22 10.95
#